data_2CF6
#
_entry.id   2CF6
#
_cell.length_a   54.710
_cell.length_b   54.710
_cell.length_c   303.930
_cell.angle_alpha   90.00
_cell.angle_beta   90.00
_cell.angle_gamma   90.00
#
_symmetry.space_group_name_H-M   'P 41 21 2'
#
loop_
_entity.id
_entity.type
_entity.pdbx_description
1 polymer 'CINNAMYL ALCOHOL DEHYDROGENASE'
2 non-polymer 'ZINC ION'
3 non-polymer 'NADP NICOTINAMIDE-ADENINE-DINUCLEOTIDE PHOSPHATE'
4 water water
#
_entity_poly.entity_id   1
_entity_poly.type   'polypeptide(L)'
_entity_poly.pdbx_seq_one_letter_code
;MGIMEAERKTTGWAARDPSGILSPYTYTLRETGPEDVNIRIICCGICHTDLHQTKNDLGMSNYPMVPGHEVVGEVVEVGS
DVSKFTVGDIVGVGCLVGCCGGCSPCERDLEQYCPKKIWSYNDVYINGQPTQGGFAKATVVHQKFVVKIPEGMAVEQAAP
LLCAGVTVYSPLSHFGLKQPGLRGGILGLGGVGHMGVKIAKAMGHHVTVISSSNKKREEALQDLGADDYVIGSDQAKMSE
LADSLDYVIDTVPVHHALEPYLSLLKLDGKLILMGVINNPLQFLTPLLMLGRKVITGSFIGSMKETEEMLEFCKEKGLSS
IIEVVKMDYVNTAFERLEKNDVRYRFVVDVEGSNLDA
;
_entity_poly.pdbx_strand_id   A
#
loop_
_chem_comp.id
_chem_comp.type
_chem_comp.name
_chem_comp.formula
NAP non-polymer 'NADP NICOTINAMIDE-ADENINE-DINUCLEOTIDE PHOSPHATE' 'C21 H28 N7 O17 P3'
ZN non-polymer 'ZINC ION' 'Zn 2'
#
# COMPACT_ATOMS: atom_id res chain seq x y z
N ALA A 6 -1.27 -27.48 13.32
CA ALA A 6 -0.33 -28.42 12.73
C ALA A 6 0.10 -28.07 11.31
N GLU A 7 1.36 -27.64 11.17
CA GLU A 7 1.92 -27.25 9.89
C GLU A 7 3.43 -27.36 9.89
N ARG A 8 4.06 -26.40 10.55
CA ARG A 8 5.50 -26.27 10.75
C ARG A 8 5.64 -24.93 11.47
N LYS A 9 6.43 -24.90 12.53
CA LYS A 9 6.60 -23.76 13.44
C LYS A 9 7.53 -22.59 13.12
N THR A 10 7.05 -21.34 12.99
CA THR A 10 7.95 -20.18 12.86
C THR A 10 8.04 -19.32 14.11
N THR A 11 8.85 -18.25 14.03
CA THR A 11 8.98 -17.26 15.10
C THR A 11 8.63 -15.86 14.51
N GLY A 12 8.61 -14.72 15.22
CA GLY A 12 8.30 -13.44 14.59
C GLY A 12 7.74 -12.38 15.51
N TRP A 13 8.15 -11.13 15.35
CA TRP A 13 7.74 -10.06 16.26
C TRP A 13 6.29 -9.61 16.20
N ALA A 14 5.74 -9.34 17.38
CA ALA A 14 4.30 -9.13 17.50
C ALA A 14 3.75 -8.32 18.66
N ALA A 15 2.75 -7.46 18.35
CA ALA A 15 2.08 -6.65 19.34
C ALA A 15 1.13 -7.49 20.18
N ARG A 16 0.71 -6.92 21.31
CA ARG A 16 -0.10 -7.62 22.30
C ARG A 16 -1.20 -6.84 22.98
N ASP A 17 -1.04 -5.52 23.11
CA ASP A 17 -2.10 -4.68 23.68
C ASP A 17 -2.17 -3.37 22.89
N PRO A 18 -3.26 -2.56 22.93
CA PRO A 18 -3.36 -1.16 22.49
C PRO A 18 -2.12 -0.39 22.04
N SER A 19 -1.27 0.06 22.98
CA SER A 19 0.02 0.63 22.64
C SER A 19 0.85 -0.54 22.14
N GLY A 20 1.04 -0.48 20.81
CA GLY A 20 1.65 -1.51 19.99
C GLY A 20 3.14 -1.79 20.19
N ILE A 21 3.47 -2.41 21.32
CA ILE A 21 4.83 -2.84 21.60
C ILE A 21 4.91 -4.30 21.12
N LEU A 22 5.78 -4.43 20.13
CA LEU A 22 6.00 -5.71 19.49
C LEU A 22 7.03 -6.58 20.24
N SER A 23 6.53 -7.70 20.78
CA SER A 23 7.36 -8.72 21.41
C SER A 23 7.94 -9.62 20.30
N PRO A 24 8.82 -10.59 20.55
CA PRO A 24 8.84 -11.89 19.86
C PRO A 24 7.60 -12.79 20.05
N TYR A 25 7.32 -13.65 19.05
CA TYR A 25 6.19 -14.58 19.08
C TYR A 25 6.37 -15.72 18.07
N THR A 26 6.20 -16.96 18.57
CA THR A 26 6.33 -18.21 17.82
C THR A 26 4.99 -18.86 17.61
N TYR A 27 4.75 -19.37 16.40
CA TYR A 27 3.45 -19.93 16.06
C TYR A 27 3.47 -20.95 14.94
N THR A 28 2.51 -21.86 15.09
CA THR A 28 2.40 -22.97 14.16
C THR A 28 1.59 -22.55 12.92
N LEU A 29 2.24 -22.62 11.76
CA LEU A 29 1.66 -22.29 10.46
C LEU A 29 0.54 -23.27 10.04
N ARG A 30 0.11 -23.13 8.78
CA ARG A 30 -0.75 -24.12 8.14
C ARG A 30 0.21 -24.89 7.24
N GLU A 31 -0.34 -25.83 6.45
CA GLU A 31 0.49 -26.54 5.51
C GLU A 31 0.09 -26.51 4.06
N THR A 32 1.21 -26.16 3.44
CA THR A 32 1.38 -25.93 2.04
C THR A 32 0.97 -27.11 1.14
N GLY A 33 -0.33 -27.00 0.96
CA GLY A 33 -1.12 -27.90 0.16
C GLY A 33 -2.53 -27.33 0.04
N PRO A 34 -3.19 -27.55 -1.11
CA PRO A 34 -2.58 -27.98 -2.36
C PRO A 34 -2.44 -26.82 -3.33
N GLU A 35 -2.80 -25.65 -2.79
CA GLU A 35 -2.76 -24.37 -3.46
C GLU A 35 -2.12 -23.31 -2.60
N ASP A 36 -1.29 -23.77 -1.66
CA ASP A 36 -0.50 -22.87 -0.85
C ASP A 36 0.94 -22.85 -1.34
N VAL A 37 1.54 -21.72 -1.01
CA VAL A 37 2.89 -21.34 -1.35
C VAL A 37 3.48 -21.07 0.02
N ASN A 38 4.61 -21.68 0.25
CA ASN A 38 5.31 -21.53 1.51
C ASN A 38 6.53 -20.69 1.19
N ILE A 39 6.62 -19.55 1.88
CA ILE A 39 7.65 -18.57 1.62
C ILE A 39 8.52 -18.33 2.81
N ARG A 40 9.79 -18.06 2.51
CA ARG A 40 10.75 -17.64 3.49
C ARG A 40 10.76 -16.13 3.28
N ILE A 41 10.41 -15.33 4.27
CA ILE A 41 10.35 -13.89 4.10
C ILE A 41 11.73 -13.23 4.11
N ILE A 42 12.28 -12.73 2.99
CA ILE A 42 13.59 -12.06 3.02
C ILE A 42 13.46 -10.62 3.56
N CYS A 43 12.55 -9.80 3.02
CA CYS A 43 12.27 -8.54 3.68
C CYS A 43 10.78 -8.20 3.61
N CYS A 44 10.33 -7.60 4.71
CA CYS A 44 8.96 -7.17 4.81
C CYS A 44 8.90 -5.66 4.58
N GLY A 45 8.07 -4.88 5.30
CA GLY A 45 7.99 -3.44 5.13
C GLY A 45 6.92 -2.80 6.01
N ILE A 46 7.13 -1.51 6.29
CA ILE A 46 6.23 -0.75 7.14
C ILE A 46 5.61 0.47 6.45
N CYS A 47 4.43 0.83 6.98
CA CYS A 47 3.66 2.02 6.61
C CYS A 47 2.65 2.23 7.71
N HIS A 48 1.93 3.35 7.65
CA HIS A 48 0.95 3.68 8.67
C HIS A 48 -0.17 2.69 8.93
N THR A 49 -0.45 1.74 8.02
CA THR A 49 -1.48 0.72 8.22
C THR A 49 -1.06 -0.21 9.36
N ASP A 50 0.25 -0.54 9.34
CA ASP A 50 0.91 -1.35 10.35
C ASP A 50 0.88 -0.76 11.73
N LEU A 51 0.72 0.56 11.92
CA LEU A 51 0.64 1.14 13.25
C LEU A 51 -0.81 1.24 13.67
N HIS A 52 -1.65 1.60 12.70
CA HIS A 52 -3.05 1.86 12.98
C HIS A 52 -3.87 0.62 13.27
N GLN A 53 -3.43 -0.54 12.78
CA GLN A 53 -4.01 -1.81 13.19
C GLN A 53 -3.50 -2.02 14.62
N THR A 54 -2.18 -2.16 14.72
CA THR A 54 -1.34 -2.34 15.91
C THR A 54 -1.63 -1.49 17.15
N LYS A 55 -2.31 -0.37 16.97
CA LYS A 55 -2.69 0.49 18.07
C LYS A 55 -4.16 0.37 18.46
N ASN A 56 -4.98 -0.05 17.50
CA ASN A 56 -6.45 -0.22 17.47
C ASN A 56 -7.00 0.75 16.44
N ASP A 57 -6.96 2.07 16.73
CA ASP A 57 -7.40 3.18 15.87
C ASP A 57 -8.64 2.95 15.03
N LEU A 58 -9.54 2.23 15.70
CA LEU A 58 -10.82 1.72 15.23
C LEU A 58 -11.54 1.16 16.46
N GLY A 59 -10.70 0.60 17.35
CA GLY A 59 -11.15 -0.16 18.49
C GLY A 59 -11.46 -1.55 17.99
N MET A 60 -10.66 -2.03 17.02
CA MET A 60 -10.86 -3.32 16.35
C MET A 60 -9.70 -4.32 16.43
N SER A 61 -8.47 -3.87 16.69
CA SER A 61 -7.28 -4.72 16.77
C SER A 61 -7.40 -6.04 17.52
N ASN A 62 -7.05 -7.15 16.87
CA ASN A 62 -7.10 -8.48 17.49
C ASN A 62 -5.72 -9.07 17.73
N TYR A 63 -5.34 -8.95 19.01
CA TYR A 63 -4.10 -9.47 19.55
C TYR A 63 -4.15 -10.95 19.87
N PRO A 64 -3.13 -11.82 19.73
CA PRO A 64 -1.79 -11.51 19.26
C PRO A 64 -1.69 -11.16 17.77
N MET A 65 -1.05 -10.00 17.53
CA MET A 65 -0.96 -9.37 16.22
C MET A 65 0.45 -9.17 15.65
N VAL A 66 0.72 -9.77 14.48
CA VAL A 66 2.02 -9.65 13.80
C VAL A 66 1.84 -8.75 12.58
N PRO A 67 2.35 -7.51 12.54
CA PRO A 67 2.25 -6.66 11.36
C PRO A 67 2.98 -7.18 10.12
N GLY A 68 2.65 -6.73 8.90
CA GLY A 68 3.44 -7.12 7.74
C GLY A 68 2.67 -7.43 6.47
N HIS A 69 2.53 -6.47 5.55
CA HIS A 69 1.81 -6.75 4.31
C HIS A 69 2.55 -6.39 3.02
N GLU A 70 3.79 -5.93 3.21
CA GLU A 70 4.66 -5.66 2.09
C GLU A 70 5.78 -6.68 2.10
N VAL A 71 5.51 -7.92 1.71
CA VAL A 71 6.55 -8.94 1.78
C VAL A 71 7.12 -9.49 0.50
N VAL A 72 8.38 -9.89 0.63
CA VAL A 72 9.12 -10.43 -0.47
C VAL A 72 10.18 -11.41 0.06
N GLY A 73 10.20 -12.55 -0.63
CA GLY A 73 11.11 -13.60 -0.28
C GLY A 73 10.78 -14.93 -0.90
N GLU A 74 11.90 -15.63 -1.13
CA GLU A 74 12.02 -16.94 -1.73
C GLU A 74 11.12 -18.05 -1.19
N VAL A 75 10.48 -18.74 -2.13
CA VAL A 75 9.54 -19.81 -1.81
C VAL A 75 10.18 -21.17 -1.60
N VAL A 76 9.95 -21.72 -0.40
CA VAL A 76 10.51 -23.00 0.06
C VAL A 76 9.73 -24.29 -0.19
N GLU A 77 8.42 -24.13 -0.41
CA GLU A 77 7.52 -25.25 -0.60
C GLU A 77 6.31 -24.78 -1.36
N VAL A 78 5.72 -25.71 -2.11
CA VAL A 78 4.53 -25.43 -2.89
C VAL A 78 3.55 -26.60 -2.82
N GLY A 79 2.28 -26.37 -3.17
CA GLY A 79 1.23 -27.38 -3.05
C GLY A 79 1.36 -28.66 -3.87
N SER A 80 0.17 -29.08 -4.31
CA SER A 80 -0.04 -30.30 -5.07
C SER A 80 -0.58 -29.95 -6.45
N ASP A 81 -1.43 -28.92 -6.45
CA ASP A 81 -1.99 -28.32 -7.65
C ASP A 81 -1.21 -27.05 -7.99
N VAL A 82 -0.25 -26.59 -7.17
CA VAL A 82 0.51 -25.40 -7.50
C VAL A 82 1.52 -25.71 -8.60
N SER A 83 1.37 -24.78 -9.55
CA SER A 83 1.99 -24.84 -10.85
C SER A 83 2.77 -23.60 -11.25
N LYS A 84 2.11 -22.44 -11.13
CA LYS A 84 2.60 -21.11 -11.48
C LYS A 84 4.04 -20.83 -11.07
N PHE A 85 4.25 -20.92 -9.77
CA PHE A 85 5.54 -20.71 -9.14
C PHE A 85 6.19 -22.04 -8.83
N THR A 86 7.53 -22.12 -8.90
CA THR A 86 8.22 -23.29 -8.36
C THR A 86 9.14 -22.80 -7.23
N VAL A 87 9.84 -23.70 -6.55
CA VAL A 87 10.65 -23.32 -5.40
C VAL A 87 11.82 -22.45 -5.85
N GLY A 88 12.25 -21.58 -4.93
CA GLY A 88 13.38 -20.69 -5.18
C GLY A 88 13.07 -19.40 -5.92
N ASP A 89 11.79 -19.10 -6.12
CA ASP A 89 11.43 -17.86 -6.79
C ASP A 89 11.29 -16.77 -5.76
N ILE A 90 11.85 -15.60 -6.11
CA ILE A 90 11.60 -14.44 -5.29
C ILE A 90 10.21 -14.05 -5.75
N VAL A 91 9.34 -14.20 -4.75
CA VAL A 91 7.92 -13.97 -4.87
C VAL A 91 7.56 -12.98 -3.77
N GLY A 92 6.55 -12.16 -4.07
CA GLY A 92 5.98 -11.16 -3.18
C GLY A 92 4.47 -11.34 -3.05
N VAL A 93 3.94 -10.83 -1.93
CA VAL A 93 2.52 -10.91 -1.58
C VAL A 93 1.97 -9.68 -0.85
N GLY A 94 0.78 -9.34 -1.35
CA GLY A 94 0.07 -8.14 -1.02
C GLY A 94 -0.62 -8.11 0.32
N CYS A 95 -1.67 -7.28 0.34
CA CYS A 95 -2.49 -7.11 1.52
C CYS A 95 -3.48 -8.24 1.70
N LEU A 96 -3.98 -8.71 0.59
CA LEU A 96 -4.93 -9.78 0.67
C LEU A 96 -4.29 -11.14 0.54
N VAL A 97 -4.81 -12.03 1.39
CA VAL A 97 -4.38 -13.42 1.55
C VAL A 97 -5.38 -14.44 1.03
N GLY A 98 -6.62 -13.98 0.97
CA GLY A 98 -7.71 -14.82 0.57
C GLY A 98 -8.88 -13.98 0.11
N CYS A 99 -9.90 -14.74 -0.25
CA CYS A 99 -11.14 -14.23 -0.79
C CYS A 99 -11.95 -15.44 -1.23
N CYS A 100 -13.24 -15.29 -1.53
CA CYS A 100 -13.97 -16.45 -1.99
C CYS A 100 -13.69 -16.75 -3.46
N GLY A 101 -14.63 -17.35 -4.21
CA GLY A 101 -14.33 -17.75 -5.57
C GLY A 101 -15.38 -17.50 -6.63
N GLY A 102 -16.68 -17.57 -6.31
CA GLY A 102 -17.71 -17.42 -7.33
C GLY A 102 -18.32 -16.04 -7.49
N CYS A 103 -18.06 -15.07 -6.58
CA CYS A 103 -18.68 -13.76 -6.67
C CYS A 103 -18.07 -13.03 -7.83
N SER A 104 -18.92 -12.63 -8.80
CA SER A 104 -18.48 -11.95 -10.01
C SER A 104 -17.61 -10.70 -9.88
N PRO A 105 -17.60 -9.94 -8.76
CA PRO A 105 -16.49 -9.11 -8.33
C PRO A 105 -15.09 -9.65 -8.58
N CYS A 106 -14.99 -10.99 -8.50
CA CYS A 106 -13.76 -11.69 -8.80
C CYS A 106 -13.95 -12.88 -9.72
N GLU A 107 -14.88 -12.63 -10.64
CA GLU A 107 -14.94 -13.39 -11.87
C GLU A 107 -14.13 -12.46 -12.76
N ARG A 108 -14.56 -11.19 -12.80
CA ARG A 108 -13.76 -10.16 -13.44
C ARG A 108 -12.97 -9.68 -12.24
N ASP A 109 -11.68 -9.99 -12.41
CA ASP A 109 -10.52 -9.78 -11.56
C ASP A 109 -10.44 -8.57 -10.63
N LEU A 110 -11.48 -8.19 -9.89
CA LEU A 110 -11.34 -7.09 -8.95
C LEU A 110 -11.59 -7.62 -7.56
N GLU A 111 -10.82 -8.68 -7.28
CA GLU A 111 -10.87 -9.46 -6.05
C GLU A 111 -10.62 -8.75 -4.73
N GLN A 112 -10.37 -7.42 -4.73
CA GLN A 112 -10.25 -6.65 -3.50
C GLN A 112 -11.63 -6.15 -3.15
N TYR A 113 -12.49 -6.05 -4.17
CA TYR A 113 -13.87 -5.63 -3.96
C TYR A 113 -14.69 -6.89 -4.05
N CYS A 114 -14.53 -7.61 -2.94
CA CYS A 114 -15.18 -8.86 -2.63
C CYS A 114 -15.39 -8.74 -1.13
N PRO A 115 -16.59 -9.03 -0.62
CA PRO A 115 -16.88 -9.06 0.81
C PRO A 115 -16.11 -10.07 1.66
N LYS A 116 -15.73 -11.21 1.07
CA LYS A 116 -15.10 -12.30 1.82
C LYS A 116 -13.58 -12.48 1.75
N LYS A 117 -12.91 -11.32 1.71
CA LYS A 117 -11.47 -11.24 1.69
C LYS A 117 -10.81 -11.31 3.07
N ILE A 118 -9.79 -12.15 3.21
CA ILE A 118 -9.02 -12.26 4.46
C ILE A 118 -7.79 -11.37 4.28
N TRP A 119 -7.27 -10.68 5.31
CA TRP A 119 -6.08 -9.84 5.14
C TRP A 119 -4.78 -10.55 5.52
N SER A 120 -3.60 -9.91 5.51
CA SER A 120 -2.35 -10.56 5.86
C SER A 120 -2.24 -10.91 7.34
N TYR A 121 -2.71 -9.96 8.14
CA TYR A 121 -2.81 -10.09 9.57
C TYR A 121 -4.10 -9.42 10.04
N ASN A 122 -4.48 -9.67 11.31
CA ASN A 122 -5.70 -9.25 12.01
C ASN A 122 -6.97 -9.82 11.37
N ASP A 123 -6.83 -10.96 10.70
CA ASP A 123 -8.01 -11.60 10.14
C ASP A 123 -8.03 -13.01 10.68
N VAL A 124 -8.78 -13.91 10.02
CA VAL A 124 -8.94 -15.30 10.38
C VAL A 124 -9.07 -16.02 9.05
N TYR A 125 -8.13 -16.93 8.80
CA TYR A 125 -8.18 -17.64 7.55
C TYR A 125 -9.30 -18.69 7.50
N ILE A 126 -9.46 -19.24 6.30
CA ILE A 126 -10.42 -20.27 5.95
C ILE A 126 -10.39 -21.49 6.83
N ASN A 127 -9.30 -21.69 7.60
CA ASN A 127 -9.15 -22.82 8.51
C ASN A 127 -9.46 -22.43 9.94
N GLY A 128 -9.16 -21.18 10.31
CA GLY A 128 -9.49 -20.71 11.63
C GLY A 128 -8.37 -19.90 12.21
N GLN A 129 -7.11 -20.18 11.89
CA GLN A 129 -6.00 -19.47 12.50
C GLN A 129 -6.05 -18.00 12.05
N PRO A 130 -5.99 -17.03 13.00
CA PRO A 130 -5.59 -15.65 12.77
C PRO A 130 -4.50 -15.57 11.75
N THR A 131 -4.71 -14.74 10.74
CA THR A 131 -3.70 -14.57 9.73
C THR A 131 -2.62 -13.71 10.41
N GLN A 132 -1.37 -14.18 10.37
CA GLN A 132 -0.29 -13.40 10.94
C GLN A 132 0.60 -12.93 9.81
N GLY A 133 1.14 -11.71 9.99
CA GLY A 133 1.85 -10.94 8.96
C GLY A 133 3.14 -11.40 8.28
N GLY A 134 3.95 -10.35 8.02
CA GLY A 134 5.23 -10.43 7.36
C GLY A 134 6.38 -10.12 8.30
N PHE A 135 6.13 -9.85 9.58
CA PHE A 135 7.16 -9.64 10.58
C PHE A 135 7.63 -10.93 11.27
N ALA A 136 7.52 -12.01 10.51
CA ALA A 136 7.82 -13.36 10.93
C ALA A 136 8.61 -14.01 9.82
N LYS A 137 9.68 -14.75 10.11
CA LYS A 137 10.61 -15.18 9.06
C LYS A 137 10.18 -16.05 7.88
N ALA A 138 8.87 -16.35 7.85
CA ALA A 138 8.16 -17.14 6.82
C ALA A 138 6.65 -17.13 6.97
N THR A 139 5.88 -17.46 5.93
CA THR A 139 4.41 -17.58 5.99
C THR A 139 3.86 -18.37 4.82
N VAL A 140 2.57 -18.72 4.91
CA VAL A 140 1.87 -19.49 3.88
C VAL A 140 0.67 -18.76 3.31
N VAL A 141 0.81 -18.46 2.02
CA VAL A 141 -0.21 -17.72 1.29
C VAL A 141 -0.85 -18.62 0.26
N HIS A 142 -1.96 -18.10 -0.29
CA HIS A 142 -2.64 -18.76 -1.38
C HIS A 142 -1.84 -18.35 -2.59
N GLN A 143 -1.73 -19.34 -3.45
CA GLN A 143 -1.05 -19.22 -4.72
C GLN A 143 -1.69 -18.18 -5.64
N LYS A 144 -2.96 -17.85 -5.42
CA LYS A 144 -3.63 -16.81 -6.18
C LYS A 144 -3.28 -15.44 -5.59
N PHE A 145 -2.86 -15.35 -4.31
CA PHE A 145 -2.52 -14.08 -3.66
C PHE A 145 -1.04 -13.74 -3.48
N VAL A 146 -0.20 -14.46 -4.22
CA VAL A 146 1.22 -14.18 -4.28
C VAL A 146 1.56 -13.86 -5.74
N VAL A 147 2.29 -12.77 -5.97
CA VAL A 147 2.77 -12.43 -7.31
C VAL A 147 4.25 -12.71 -7.39
N LYS A 148 4.67 -13.15 -8.56
CA LYS A 148 6.08 -13.42 -8.84
C LYS A 148 6.82 -12.08 -8.96
N ILE A 149 8.15 -12.09 -9.09
CA ILE A 149 8.90 -10.84 -9.18
C ILE A 149 9.85 -10.74 -10.38
N PRO A 150 9.89 -9.60 -11.10
CA PRO A 150 10.81 -9.33 -12.21
C PRO A 150 12.30 -9.65 -12.03
N GLU A 151 13.02 -9.78 -13.16
CA GLU A 151 14.45 -10.08 -13.17
C GLU A 151 15.30 -8.81 -13.07
N GLY A 152 15.61 -8.43 -11.84
CA GLY A 152 16.39 -7.23 -11.61
C GLY A 152 15.74 -6.34 -10.55
N MET A 153 14.44 -6.49 -10.33
CA MET A 153 13.75 -5.73 -9.29
C MET A 153 14.28 -6.21 -7.94
N ALA A 154 14.90 -5.23 -7.24
CA ALA A 154 15.49 -5.41 -5.92
C ALA A 154 14.45 -5.82 -4.91
N VAL A 155 14.91 -6.57 -3.93
CA VAL A 155 14.05 -7.11 -2.90
C VAL A 155 13.64 -6.03 -1.90
N GLU A 156 14.40 -4.93 -1.77
CA GLU A 156 14.03 -3.79 -0.93
C GLU A 156 13.08 -2.87 -1.68
N GLN A 157 13.35 -2.76 -2.98
CA GLN A 157 12.58 -1.93 -3.90
C GLN A 157 11.24 -2.45 -4.38
N ALA A 158 11.02 -3.77 -4.35
CA ALA A 158 9.77 -4.35 -4.78
C ALA A 158 8.72 -4.36 -3.68
N ALA A 159 9.20 -4.26 -2.44
CA ALA A 159 8.33 -4.39 -1.29
C ALA A 159 7.34 -3.26 -1.08
N PRO A 160 7.66 -1.96 -1.10
CA PRO A 160 6.70 -0.91 -0.75
C PRO A 160 5.48 -0.78 -1.67
N LEU A 161 5.78 -1.20 -2.91
CA LEU A 161 4.92 -1.22 -4.06
C LEU A 161 3.83 -2.28 -3.98
N LEU A 162 3.88 -3.15 -2.98
CA LEU A 162 2.89 -4.20 -2.82
C LEU A 162 1.61 -3.75 -2.15
N CYS A 163 1.65 -2.50 -1.73
CA CYS A 163 0.48 -1.89 -1.17
C CYS A 163 0.51 -0.42 -1.56
N ALA A 164 1.53 0.42 -1.30
CA ALA A 164 1.46 1.84 -1.69
C ALA A 164 1.74 2.10 -3.16
N GLY A 165 2.48 1.19 -3.80
CA GLY A 165 2.83 1.33 -5.20
C GLY A 165 1.70 0.98 -6.13
N VAL A 166 0.89 0.01 -5.70
CA VAL A 166 -0.25 -0.40 -6.49
C VAL A 166 -1.47 0.41 -6.07
N THR A 167 -1.53 0.88 -4.81
CA THR A 167 -2.69 1.60 -4.29
C THR A 167 -3.22 2.69 -5.20
N VAL A 168 -2.22 3.41 -5.69
CA VAL A 168 -2.30 4.56 -6.56
C VAL A 168 -2.23 4.20 -8.05
N TYR A 169 -1.59 3.07 -8.44
CA TYR A 169 -1.51 2.66 -9.83
C TYR A 169 -2.88 2.41 -10.42
N SER A 170 -3.70 1.58 -9.78
CA SER A 170 -5.00 1.21 -10.32
C SER A 170 -6.16 2.22 -10.29
N PRO A 171 -6.14 3.33 -9.54
CA PRO A 171 -6.82 4.58 -9.91
C PRO A 171 -6.39 5.19 -11.23
N LEU A 172 -5.08 5.40 -11.42
CA LEU A 172 -4.53 5.90 -12.66
C LEU A 172 -4.59 4.80 -13.72
N SER A 173 -5.64 4.00 -13.77
CA SER A 173 -5.74 2.86 -14.68
C SER A 173 -7.19 2.58 -14.95
N HIS A 174 -8.05 2.77 -13.95
CA HIS A 174 -9.46 2.53 -14.12
C HIS A 174 -10.22 3.78 -14.57
N PHE A 175 -9.90 4.95 -14.04
CA PHE A 175 -10.65 6.15 -14.40
C PHE A 175 -10.22 6.81 -15.72
N GLY A 176 -9.30 6.15 -16.43
CA GLY A 176 -8.87 6.57 -17.76
C GLY A 176 -7.40 6.91 -17.84
N LEU A 177 -7.10 7.70 -16.82
CA LEU A 177 -5.86 8.39 -16.49
C LEU A 177 -4.47 7.95 -16.90
N LYS A 178 -4.13 6.73 -17.36
CA LYS A 178 -2.74 6.47 -17.73
C LYS A 178 -2.37 6.73 -19.17
N GLN A 179 -3.33 7.10 -20.04
CA GLN A 179 -2.98 7.59 -21.38
C GLN A 179 -2.33 8.95 -21.15
N PRO A 180 -1.24 9.35 -21.85
CA PRO A 180 -0.36 10.47 -21.49
C PRO A 180 -0.88 11.91 -21.63
N GLY A 181 -0.18 12.83 -20.98
CA GLY A 181 -0.57 14.23 -21.06
C GLY A 181 -1.04 14.71 -19.72
N LEU A 182 -2.28 14.40 -19.34
CA LEU A 182 -2.93 14.75 -18.07
C LEU A 182 -2.27 15.50 -16.91
N ARG A 183 -2.97 16.48 -16.35
CA ARG A 183 -2.44 17.12 -15.17
C ARG A 183 -3.05 16.54 -13.91
N GLY A 184 -2.23 16.37 -12.88
CA GLY A 184 -2.69 15.77 -11.64
C GLY A 184 -2.06 16.38 -10.42
N GLY A 185 -2.87 16.50 -9.38
CA GLY A 185 -2.39 17.12 -8.17
C GLY A 185 -2.39 16.12 -7.04
N ILE A 186 -1.20 15.73 -6.56
CA ILE A 186 -1.08 14.77 -5.47
C ILE A 186 -1.13 15.51 -4.13
N LEU A 187 -2.19 15.17 -3.39
CA LEU A 187 -2.46 15.75 -2.09
C LEU A 187 -1.99 14.89 -0.92
N GLY A 188 -1.02 15.43 -0.19
CA GLY A 188 -0.44 14.75 0.96
C GLY A 188 0.78 13.96 0.55
N LEU A 189 1.96 14.59 0.59
CA LEU A 189 3.16 13.95 0.09
C LEU A 189 3.87 12.97 1.02
N GLY A 190 3.42 11.73 0.96
CA GLY A 190 4.07 10.68 1.71
C GLY A 190 3.32 9.40 1.52
N GLY A 191 4.06 8.29 1.63
CA GLY A 191 3.58 6.93 1.52
C GLY A 191 2.93 6.69 0.18
N VAL A 192 1.64 7.02 0.22
CA VAL A 192 0.73 6.98 -0.92
C VAL A 192 0.88 8.20 -1.83
N GLY A 193 1.39 9.32 -1.32
CA GLY A 193 1.63 10.52 -2.12
C GLY A 193 2.84 10.34 -3.00
N HIS A 194 3.90 9.82 -2.37
CA HIS A 194 5.17 9.57 -3.04
C HIS A 194 5.06 8.70 -4.27
N MET A 195 4.49 7.49 -4.20
CA MET A 195 4.36 6.65 -5.38
C MET A 195 3.45 7.29 -6.43
N GLY A 196 2.54 8.18 -5.98
CA GLY A 196 1.63 8.90 -6.87
C GLY A 196 2.40 9.77 -7.85
N VAL A 197 3.25 10.61 -7.24
CA VAL A 197 4.15 11.52 -7.93
C VAL A 197 5.04 10.77 -8.91
N LYS A 198 5.64 9.70 -8.40
CA LYS A 198 6.47 8.81 -9.17
C LYS A 198 5.74 8.21 -10.36
N ILE A 199 4.70 7.39 -10.20
CA ILE A 199 3.98 6.73 -11.30
C ILE A 199 3.22 7.65 -12.26
N ALA A 200 2.67 8.78 -11.77
CA ALA A 200 1.93 9.68 -12.65
C ALA A 200 2.87 10.47 -13.53
N LYS A 201 3.97 10.99 -12.97
CA LYS A 201 5.00 11.67 -13.76
C LYS A 201 5.78 10.66 -14.61
N ALA A 202 5.76 9.35 -14.29
CA ALA A 202 6.39 8.34 -15.14
C ALA A 202 5.47 7.96 -16.32
N MET A 203 4.18 8.30 -16.20
CA MET A 203 3.22 8.13 -17.27
C MET A 203 3.15 9.30 -18.27
N GLY A 204 4.06 10.28 -18.11
CA GLY A 204 4.13 11.46 -18.95
C GLY A 204 3.05 12.46 -18.58
N HIS A 205 2.84 12.68 -17.26
CA HIS A 205 1.84 13.59 -16.71
C HIS A 205 2.43 14.74 -15.92
N HIS A 206 1.70 15.85 -16.01
CA HIS A 206 2.08 17.05 -15.31
C HIS A 206 1.56 17.04 -13.87
N VAL A 207 2.46 16.62 -12.99
CA VAL A 207 2.14 16.50 -11.58
C VAL A 207 2.59 17.68 -10.73
N THR A 208 1.60 18.13 -9.99
CA THR A 208 1.62 19.23 -9.05
C THR A 208 1.51 18.61 -7.67
N VAL A 209 2.28 19.03 -6.66
CA VAL A 209 2.05 18.48 -5.34
C VAL A 209 1.33 19.53 -4.54
N ILE A 210 0.36 19.07 -3.74
CA ILE A 210 -0.35 19.94 -2.82
C ILE A 210 0.06 19.54 -1.40
N SER A 211 0.00 20.48 -0.46
CA SER A 211 0.56 20.23 0.86
C SER A 211 0.00 21.01 2.04
N SER A 212 0.07 20.40 3.22
CA SER A 212 -0.31 21.07 4.46
C SER A 212 0.74 22.14 4.85
N SER A 213 2.00 21.72 4.75
CA SER A 213 3.15 22.55 5.04
C SER A 213 3.86 22.93 3.76
N ASN A 214 4.97 23.63 3.93
CA ASN A 214 5.84 23.97 2.82
C ASN A 214 7.05 23.05 2.83
N LYS A 215 7.13 22.27 3.92
CA LYS A 215 8.24 21.38 4.23
C LYS A 215 8.63 20.31 3.22
N LYS A 216 7.68 19.56 2.66
CA LYS A 216 8.03 18.50 1.72
C LYS A 216 8.40 18.95 0.30
N ARG A 217 8.83 20.23 0.20
CA ARG A 217 9.26 20.90 -1.04
C ARG A 217 10.55 20.32 -1.61
N GLU A 218 11.40 19.78 -0.70
CA GLU A 218 12.64 19.11 -1.04
C GLU A 218 12.43 17.71 -1.58
N GLU A 219 11.61 16.89 -0.91
CA GLU A 219 11.26 15.58 -1.40
C GLU A 219 10.12 15.70 -2.41
N ALA A 220 10.16 16.66 -3.35
CA ALA A 220 9.13 16.84 -4.35
C ALA A 220 9.62 17.36 -5.69
N LEU A 221 10.09 18.61 -5.68
CA LEU A 221 10.65 19.28 -6.84
C LEU A 221 12.07 18.78 -7.08
N GLN A 222 12.92 18.85 -6.06
CA GLN A 222 14.25 18.29 -6.17
C GLN A 222 14.40 16.97 -5.39
N ASP A 223 13.73 15.93 -5.92
CA ASP A 223 13.82 14.54 -5.48
C ASP A 223 12.74 13.74 -6.20
N LEU A 224 11.45 14.09 -6.16
CA LEU A 224 10.43 13.32 -6.87
C LEU A 224 10.22 13.60 -8.35
N GLY A 225 10.45 14.87 -8.72
CA GLY A 225 10.32 15.30 -10.10
C GLY A 225 9.00 16.00 -10.41
N ALA A 226 8.32 16.54 -9.39
CA ALA A 226 7.05 17.24 -9.58
C ALA A 226 7.28 18.58 -10.24
N ASP A 227 6.25 18.93 -10.99
CA ASP A 227 6.22 20.15 -11.78
C ASP A 227 5.88 21.38 -10.96
N ASP A 228 5.29 21.18 -9.77
CA ASP A 228 4.93 22.27 -8.88
C ASP A 228 4.71 21.79 -7.46
N TYR A 229 4.52 22.78 -6.59
CA TYR A 229 4.26 22.61 -5.17
C TYR A 229 3.43 23.78 -4.68
N VAL A 230 2.24 23.45 -4.18
CA VAL A 230 1.32 24.44 -3.65
C VAL A 230 0.77 24.00 -2.29
N ILE A 231 0.60 24.95 -1.38
CA ILE A 231 -0.01 24.72 -0.09
C ILE A 231 -1.52 24.65 -0.25
N GLY A 232 -2.16 23.68 0.41
CA GLY A 232 -3.60 23.55 0.42
C GLY A 232 -4.26 24.78 1.03
N SER A 233 -3.73 25.21 2.18
CA SER A 233 -4.22 26.38 2.88
C SER A 233 -3.87 27.73 2.25
N ASP A 234 -3.12 27.75 1.12
CA ASP A 234 -2.82 28.98 0.39
C ASP A 234 -3.81 29.22 -0.76
N GLN A 235 -4.73 30.17 -0.52
CA GLN A 235 -5.76 30.53 -1.46
C GLN A 235 -5.27 31.17 -2.75
N ALA A 236 -4.31 32.08 -2.70
CA ALA A 236 -3.83 32.79 -3.88
C ALA A 236 -3.04 31.95 -4.89
N LYS A 237 -2.26 30.96 -4.41
CA LYS A 237 -1.54 30.07 -5.32
C LYS A 237 -2.48 28.99 -5.83
N MET A 238 -3.42 28.49 -5.00
CA MET A 238 -4.38 27.50 -5.44
C MET A 238 -5.41 28.02 -6.42
N SER A 239 -5.76 29.31 -6.33
CA SER A 239 -6.69 29.96 -7.26
C SER A 239 -6.11 30.17 -8.64
N GLU A 240 -4.77 30.22 -8.76
CA GLU A 240 -4.10 30.28 -10.05
C GLU A 240 -4.36 28.96 -10.76
N LEU A 241 -4.40 27.89 -9.96
CA LEU A 241 -4.73 26.56 -10.43
C LEU A 241 -6.23 26.33 -10.32
N ALA A 242 -6.95 27.13 -11.12
CA ALA A 242 -8.41 27.14 -11.15
C ALA A 242 -8.99 25.83 -11.65
N ASP A 243 -9.24 25.67 -12.95
CA ASP A 243 -9.73 24.41 -13.49
C ASP A 243 -8.54 23.81 -14.26
N SER A 244 -7.58 23.35 -13.47
CA SER A 244 -6.27 22.91 -13.94
C SER A 244 -6.03 21.44 -14.27
N LEU A 245 -6.19 20.60 -13.23
CA LEU A 245 -5.93 19.17 -13.23
C LEU A 245 -7.06 18.28 -13.72
N ASP A 246 -6.70 17.11 -14.28
CA ASP A 246 -7.63 16.05 -14.64
C ASP A 246 -8.05 15.21 -13.44
N TYR A 247 -7.12 15.06 -12.49
CA TYR A 247 -7.39 14.34 -11.26
C TYR A 247 -6.60 14.92 -10.10
N VAL A 248 -7.09 14.53 -8.93
CA VAL A 248 -6.51 14.82 -7.64
C VAL A 248 -6.70 13.54 -6.84
N ILE A 249 -5.61 13.09 -6.22
CA ILE A 249 -5.60 11.88 -5.41
C ILE A 249 -5.51 12.29 -3.94
N ASP A 250 -5.88 11.45 -2.95
CA ASP A 250 -5.84 11.82 -1.53
C ASP A 250 -5.15 10.87 -0.57
N THR A 251 -4.02 11.30 0.02
CA THR A 251 -3.36 10.45 1.00
C THR A 251 -3.67 10.98 2.38
N VAL A 252 -4.21 12.21 2.48
CA VAL A 252 -4.52 12.82 3.76
C VAL A 252 -5.48 11.89 4.50
N PRO A 253 -5.10 11.62 5.75
CA PRO A 253 -5.64 10.50 6.51
C PRO A 253 -6.89 10.80 7.32
N VAL A 254 -7.45 12.02 7.35
CA VAL A 254 -8.62 12.31 8.18
C VAL A 254 -9.44 13.48 7.69
N HIS A 255 -10.64 13.65 8.29
CA HIS A 255 -11.66 14.64 7.93
C HIS A 255 -11.18 16.01 7.48
N HIS A 256 -11.03 16.07 6.16
CA HIS A 256 -10.70 17.32 5.52
C HIS A 256 -11.83 17.74 4.60
N ALA A 257 -12.00 19.05 4.36
CA ALA A 257 -13.07 19.52 3.49
C ALA A 257 -12.59 19.61 2.06
N LEU A 258 -13.48 18.92 1.39
CA LEU A 258 -13.39 18.59 -0.01
C LEU A 258 -13.62 19.62 -1.06
N GLU A 259 -14.51 20.58 -0.84
CA GLU A 259 -14.76 21.60 -1.85
C GLU A 259 -13.54 22.50 -2.08
N PRO A 260 -12.68 22.87 -1.12
CA PRO A 260 -11.32 23.32 -1.38
C PRO A 260 -10.54 22.55 -2.44
N TYR A 261 -10.53 21.22 -2.27
CA TYR A 261 -9.80 20.33 -3.16
C TYR A 261 -10.44 19.98 -4.47
N LEU A 262 -11.76 20.18 -4.55
CA LEU A 262 -12.53 20.00 -5.76
C LEU A 262 -12.45 21.17 -6.72
N SER A 263 -12.06 22.39 -6.27
CA SER A 263 -11.94 23.60 -7.11
C SER A 263 -10.90 23.46 -8.21
N LEU A 264 -9.83 22.76 -7.84
CA LEU A 264 -8.69 22.46 -8.70
C LEU A 264 -8.95 21.48 -9.84
N LEU A 265 -10.23 21.31 -10.20
CA LEU A 265 -10.64 20.37 -11.22
C LEU A 265 -11.51 20.97 -12.30
N LYS A 266 -10.99 20.76 -13.51
CA LYS A 266 -11.69 21.09 -14.73
C LYS A 266 -12.80 20.07 -15.02
N LEU A 267 -13.50 20.31 -16.13
CA LEU A 267 -14.57 19.45 -16.61
C LEU A 267 -14.18 18.01 -16.83
N ASP A 268 -14.92 17.24 -16.01
CA ASP A 268 -14.90 15.80 -15.84
C ASP A 268 -13.80 15.33 -14.91
N GLY A 269 -13.19 16.24 -14.14
CA GLY A 269 -12.11 15.90 -13.21
C GLY A 269 -12.43 14.85 -12.14
N LYS A 270 -11.42 14.19 -11.56
CA LYS A 270 -11.66 13.16 -10.55
C LYS A 270 -10.99 13.35 -9.21
N LEU A 271 -11.80 13.44 -8.13
CA LEU A 271 -11.27 13.38 -6.78
C LEU A 271 -11.25 11.89 -6.40
N ILE A 272 -10.05 11.33 -6.27
CA ILE A 272 -9.92 9.94 -5.89
C ILE A 272 -9.30 9.90 -4.51
N LEU A 273 -10.18 9.77 -3.52
CA LEU A 273 -9.87 9.68 -2.10
C LEU A 273 -9.26 8.31 -1.75
N MET A 274 -8.16 8.22 -0.99
CA MET A 274 -7.55 6.92 -0.68
C MET A 274 -7.69 6.58 0.78
N GLY A 275 -7.22 7.53 1.60
CA GLY A 275 -7.18 7.44 3.05
C GLY A 275 -8.46 7.01 3.73
N VAL A 276 -8.25 6.32 4.86
CA VAL A 276 -9.36 5.88 5.69
C VAL A 276 -9.65 7.03 6.63
N ILE A 277 -10.79 7.59 6.26
CA ILE A 277 -11.35 8.75 6.90
C ILE A 277 -12.71 8.43 7.51
N ASN A 278 -12.59 8.07 8.78
CA ASN A 278 -13.73 7.89 9.65
C ASN A 278 -14.18 9.34 9.92
N ASN A 279 -15.50 9.51 9.82
CA ASN A 279 -16.27 10.76 9.81
C ASN A 279 -16.67 10.89 8.35
N PRO A 280 -17.92 11.24 8.04
CA PRO A 280 -18.35 11.60 6.69
C PRO A 280 -17.60 12.78 6.11
N LEU A 281 -17.30 12.82 4.81
CA LEU A 281 -16.70 14.02 4.24
C LEU A 281 -17.81 14.88 3.61
N GLN A 282 -17.63 16.17 3.23
CA GLN A 282 -18.72 16.95 2.63
C GLN A 282 -18.45 17.59 1.26
N PHE A 283 -19.56 17.84 0.56
CA PHE A 283 -19.50 18.47 -0.76
C PHE A 283 -20.74 19.25 -1.15
N LEU A 284 -20.51 20.22 -2.03
CA LEU A 284 -21.61 20.94 -2.64
C LEU A 284 -21.87 20.27 -3.98
N THR A 285 -23.14 19.86 -4.10
CA THR A 285 -23.70 19.18 -5.26
C THR A 285 -23.59 20.11 -6.49
N PRO A 286 -23.88 21.42 -6.39
CA PRO A 286 -23.35 22.46 -7.26
C PRO A 286 -21.96 22.49 -7.87
N LEU A 287 -20.81 22.29 -7.22
CA LEU A 287 -19.49 22.41 -7.88
C LEU A 287 -19.21 21.31 -8.90
N LEU A 288 -19.69 20.18 -8.38
CA LEU A 288 -19.66 18.95 -9.12
C LEU A 288 -20.52 19.17 -10.35
N MET A 289 -21.66 19.87 -10.22
CA MET A 289 -22.51 20.22 -11.37
C MET A 289 -21.95 21.36 -12.24
N LEU A 290 -20.97 22.13 -11.74
CA LEU A 290 -20.26 23.17 -12.48
C LEU A 290 -19.45 22.44 -13.53
N GLY A 291 -18.51 21.61 -13.03
CA GLY A 291 -17.65 20.96 -14.02
C GLY A 291 -17.93 19.50 -14.34
N ARG A 292 -19.06 18.88 -13.95
CA ARG A 292 -19.35 17.44 -14.06
C ARG A 292 -18.17 16.70 -13.42
N LYS A 293 -18.04 16.96 -12.12
CA LYS A 293 -16.94 16.44 -11.32
C LYS A 293 -17.39 15.32 -10.41
N VAL A 294 -16.43 14.40 -10.38
CA VAL A 294 -16.57 13.07 -9.80
C VAL A 294 -15.82 12.86 -8.49
N ILE A 295 -16.47 12.24 -7.48
CA ILE A 295 -15.81 11.88 -6.22
C ILE A 295 -15.94 10.37 -6.03
N THR A 296 -14.78 9.75 -5.78
CA THR A 296 -14.67 8.31 -5.60
C THR A 296 -13.48 7.94 -4.70
N GLY A 297 -13.47 6.66 -4.35
CA GLY A 297 -12.41 6.12 -3.56
C GLY A 297 -11.86 4.85 -4.16
N SER A 298 -10.56 4.65 -3.96
CA SER A 298 -9.88 3.46 -4.44
C SER A 298 -9.32 2.69 -3.26
N PHE A 299 -9.29 1.37 -3.47
CA PHE A 299 -8.82 0.45 -2.47
C PHE A 299 -7.77 -0.42 -3.14
N ILE A 300 -6.51 -0.32 -2.66
CA ILE A 300 -5.32 -1.01 -3.14
C ILE A 300 -5.38 -1.52 -4.58
N GLY A 301 -5.02 -2.78 -4.84
CA GLY A 301 -5.02 -3.32 -6.18
C GLY A 301 -5.31 -4.81 -6.21
N SER A 302 -5.82 -5.22 -7.37
CA SER A 302 -6.05 -6.63 -7.65
C SER A 302 -4.70 -7.17 -8.08
N MET A 303 -4.53 -8.48 -7.94
CA MET A 303 -3.27 -9.13 -8.26
C MET A 303 -2.85 -8.96 -9.71
N LYS A 304 -3.78 -8.91 -10.68
CA LYS A 304 -3.38 -8.71 -12.05
C LYS A 304 -2.76 -7.33 -12.17
N GLU A 305 -3.32 -6.29 -11.52
CA GLU A 305 -2.60 -5.03 -11.51
C GLU A 305 -1.48 -4.99 -10.49
N THR A 306 -1.31 -6.02 -9.64
CA THR A 306 -0.11 -6.07 -8.78
C THR A 306 0.99 -6.72 -9.60
N GLU A 307 0.59 -7.57 -10.55
CA GLU A 307 1.50 -8.19 -11.51
C GLU A 307 2.05 -7.14 -12.47
N GLU A 308 1.10 -6.36 -13.01
CA GLU A 308 1.32 -5.24 -13.93
C GLU A 308 2.17 -4.11 -13.36
N MET A 309 1.78 -3.56 -12.20
CA MET A 309 2.47 -2.45 -11.52
C MET A 309 3.98 -2.58 -11.31
N LEU A 310 4.38 -3.81 -11.04
CA LEU A 310 5.75 -4.18 -10.75
C LEU A 310 6.56 -4.20 -12.05
N GLU A 311 6.04 -4.92 -13.06
CA GLU A 311 6.66 -4.99 -14.37
C GLU A 311 6.61 -3.61 -15.03
N PHE A 312 5.70 -2.69 -14.59
CA PHE A 312 5.63 -1.30 -15.02
C PHE A 312 6.74 -0.55 -14.29
N CYS A 313 6.79 -0.56 -12.95
CA CYS A 313 7.87 0.03 -12.16
C CYS A 313 9.31 -0.41 -12.48
N LYS A 314 9.41 -1.51 -13.25
CA LYS A 314 10.64 -2.11 -13.80
C LYS A 314 11.09 -1.34 -15.03
N GLU A 315 10.20 -1.38 -16.03
CA GLU A 315 10.37 -0.74 -17.32
C GLU A 315 10.58 0.75 -17.18
N LYS A 316 9.67 1.45 -16.50
CA LYS A 316 9.93 2.84 -16.19
C LYS A 316 10.54 2.64 -14.81
N GLY A 317 11.87 2.59 -14.77
CA GLY A 317 12.67 2.30 -13.58
C GLY A 317 12.41 3.16 -12.34
N LEU A 318 11.39 2.83 -11.54
CA LEU A 318 11.06 3.64 -10.36
C LEU A 318 11.63 3.18 -9.01
N SER A 319 11.89 4.21 -8.18
CA SER A 319 12.50 4.02 -6.88
C SER A 319 12.19 5.10 -5.86
N SER A 320 12.52 4.65 -4.65
CA SER A 320 12.40 5.45 -3.47
C SER A 320 13.48 5.13 -2.45
N ILE A 321 13.86 6.17 -1.70
CA ILE A 321 14.84 6.07 -0.65
C ILE A 321 14.11 5.35 0.49
N ILE A 322 14.67 4.14 0.71
CA ILE A 322 14.21 3.24 1.75
C ILE A 322 15.32 3.07 2.75
N GLU A 323 14.93 3.12 4.03
CA GLU A 323 15.88 2.96 5.10
C GLU A 323 15.62 1.57 5.60
N VAL A 324 16.57 0.68 5.30
CA VAL A 324 16.45 -0.71 5.70
C VAL A 324 17.11 -0.86 7.06
N VAL A 325 16.14 -1.25 7.87
CA VAL A 325 16.37 -1.55 9.26
C VAL A 325 16.19 -3.07 9.51
N LYS A 326 16.83 -3.53 10.61
CA LYS A 326 16.74 -4.93 11.02
C LYS A 326 15.50 -5.14 11.88
N MET A 327 15.25 -6.38 12.33
CA MET A 327 14.04 -6.64 13.09
C MET A 327 14.04 -6.26 14.58
N ASP A 328 15.22 -5.98 15.16
CA ASP A 328 15.27 -5.52 16.55
C ASP A 328 15.09 -4.01 16.67
N TYR A 329 14.88 -3.33 15.53
CA TYR A 329 14.67 -1.89 15.47
C TYR A 329 13.25 -1.50 15.03
N VAL A 330 12.26 -2.41 15.06
CA VAL A 330 10.92 -2.06 14.61
C VAL A 330 10.14 -1.07 15.46
N ASN A 331 10.05 -1.14 16.79
CA ASN A 331 9.32 -0.14 17.58
C ASN A 331 9.94 1.26 17.58
N THR A 332 11.27 1.32 17.35
CA THR A 332 12.02 2.54 17.22
C THR A 332 11.74 3.12 15.83
N ALA A 333 11.59 2.21 14.84
CA ALA A 333 11.20 2.55 13.48
C ALA A 333 9.80 3.12 13.47
N PHE A 334 8.90 2.60 14.31
CA PHE A 334 7.51 3.02 14.48
C PHE A 334 7.42 4.34 15.23
N GLU A 335 8.21 4.55 16.28
CA GLU A 335 8.25 5.83 16.98
C GLU A 335 8.75 6.92 16.00
N ARG A 336 9.73 6.53 15.17
CA ARG A 336 10.22 7.43 14.13
C ARG A 336 9.20 7.68 13.04
N LEU A 337 8.37 6.68 12.77
CA LEU A 337 7.29 6.72 11.80
C LEU A 337 6.19 7.66 12.31
N GLU A 338 6.07 7.79 13.65
CA GLU A 338 5.14 8.72 14.30
C GLU A 338 5.72 10.14 14.29
N LYS A 339 7.04 10.26 14.50
CA LYS A 339 7.71 11.54 14.34
C LYS A 339 8.10 11.73 12.87
N ASN A 340 7.47 10.89 12.02
CA ASN A 340 7.55 10.79 10.57
C ASN A 340 8.91 11.14 9.93
N ASP A 341 9.98 10.62 10.54
CA ASP A 341 11.34 10.83 10.06
C ASP A 341 11.68 9.89 8.90
N VAL A 342 11.70 8.57 9.12
CA VAL A 342 11.93 7.45 8.17
C VAL A 342 13.05 7.40 7.12
N ARG A 343 13.27 8.52 6.40
CA ARG A 343 14.13 8.73 5.23
C ARG A 343 13.43 8.17 4.00
N TYR A 344 12.28 8.84 3.82
CA TYR A 344 11.20 8.67 2.84
C TYR A 344 10.46 7.33 2.90
N ARG A 345 11.10 6.22 3.31
CA ARG A 345 10.47 4.92 3.46
C ARG A 345 11.29 4.00 4.37
N PHE A 346 10.69 2.89 4.79
CA PHE A 346 11.29 1.82 5.62
C PHE A 346 11.06 0.43 5.04
N VAL A 347 12.02 -0.47 5.24
CA VAL A 347 11.89 -1.89 4.91
C VAL A 347 12.52 -2.67 6.08
N VAL A 348 11.83 -3.64 6.67
CA VAL A 348 12.39 -4.46 7.76
C VAL A 348 12.95 -5.70 7.10
N ASP A 349 14.27 -5.87 7.09
CA ASP A 349 14.69 -7.14 6.52
C ASP A 349 14.87 -8.17 7.63
N VAL A 350 13.97 -9.14 7.46
CA VAL A 350 13.82 -10.27 8.36
C VAL A 350 14.91 -11.26 7.95
N GLU A 351 16.08 -10.78 8.35
CA GLU A 351 17.36 -11.39 8.16
C GLU A 351 18.13 -10.86 9.38
N GLY A 352 17.40 -10.69 10.49
CA GLY A 352 17.85 -10.23 11.79
C GLY A 352 17.42 -11.15 12.94
N SER A 353 17.12 -10.52 14.09
CA SER A 353 16.77 -11.06 15.41
C SER A 353 15.83 -12.25 15.69
N ASN A 354 15.11 -12.83 14.73
CA ASN A 354 14.18 -13.92 14.99
C ASN A 354 14.79 -15.30 15.26
N LEU A 355 14.54 -15.87 16.46
CA LEU A 355 14.97 -17.22 16.79
C LEU A 355 13.97 -18.00 17.62
N ASP A 356 13.74 -17.78 18.92
CA ASP A 356 12.76 -18.59 19.65
C ASP A 356 11.90 -17.85 20.68
N ALA A 357 11.26 -18.64 21.56
CA ALA A 357 10.30 -18.30 22.61
C ALA A 357 8.91 -18.14 22.02
ZN ZN B . -15.56 -12.91 -4.30
ZN ZN C . 1.24 -0.67 3.56
PA NAP D . 1.36 9.04 4.41
O1A NAP D . 2.79 9.40 4.37
O2A NAP D . 0.45 9.45 3.31
O5B NAP D . 0.79 9.68 5.81
C5B NAP D . 0.79 11.14 6.03
C4B NAP D . 0.73 12.13 4.85
O4B NAP D . -0.51 12.87 4.65
C3B NAP D . 1.82 13.21 4.94
O3B NAP D . 2.68 13.09 3.81
C2B NAP D . 1.15 14.59 5.00
O2B NAP D . 1.81 15.54 4.08
C1B NAP D . -0.31 14.30 4.67
N9A NAP D . -1.23 14.95 5.63
C8A NAP D . -1.44 14.61 6.91
N7A NAP D . -2.38 15.39 7.46
C5A NAP D . -2.73 16.21 6.50
C6A NAP D . -3.69 17.22 6.59
N6A NAP D . -4.39 17.42 7.70
N1A NAP D . -3.88 17.95 5.48
C2A NAP D . -3.20 17.72 4.35
N3A NAP D . -2.29 16.76 4.27
C4A NAP D . -2.03 15.97 5.34
O3 NAP D . 1.29 7.42 4.51
PN NAP D . 0.44 6.11 3.98
O1N NAP D . 0.22 5.22 5.15
O2N NAP D . 1.18 5.54 2.84
O5D NAP D . -1.05 6.55 3.42
C5D NAP D . -2.03 7.31 4.19
C4D NAP D . -3.24 6.68 4.91
O4D NAP D . -4.20 5.96 4.11
C3D NAP D . -2.86 5.70 6.02
O3D NAP D . -3.67 5.85 7.19
C2D NAP D . -3.00 4.34 5.36
O2D NAP D . -3.22 3.30 6.32
C1D NAP D . -4.15 4.55 4.38
N1N NAP D . -4.00 3.81 3.10
C2N NAP D . -5.11 3.60 2.26
C3N NAP D . -4.96 2.91 1.05
C7N NAP D . -6.15 2.66 0.10
O7N NAP D . -7.28 3.05 0.37
N7N NAP D . -5.86 1.98 -1.01
C4N NAP D . -3.70 2.43 0.70
C5N NAP D . -2.59 2.63 1.52
C6N NAP D . -2.73 3.32 2.72
P2B NAP D . 1.81 17.23 4.25
O1X NAP D . 2.78 17.62 3.20
O2X NAP D . 0.54 17.96 4.03
O3X NAP D . 2.40 17.52 5.59
#